data_8JK8
#
_entry.id   8JK8
#
_cell.length_a   70.369
_cell.length_b   70.369
_cell.length_c   88.150
_cell.angle_alpha   90.00
_cell.angle_beta   90.00
_cell.angle_gamma   120.00
#
_symmetry.space_group_name_H-M   'P 32 2 1'
#
loop_
_entity.id
_entity.type
_entity.pdbx_description
1 polymer "bis(5'-nucleosyl)-tetraphosphatase (symmetrical)"
2 non-polymer 'FE (III) ION'
3 non-polymer "URIDINE-5'-DIPHOSPHATE"
4 non-polymer 'SULFATE ION'
5 non-polymer GLYCEROL
6 non-polymer 1,2-ETHANEDIOL
7 water water
#
_entity_poly.entity_id   1
_entity_poly.type   'polypeptide(L)'
_entity_poly.pdbx_seq_one_letter_code
;MSYQDYINCSREALLEKMAELLPEKRLTHCLGVERAAMELAQRFGVDVEKASLAGLLHDYAKKLSDQEFLVLIDRYQLDP
DLKNWGNNVWHGMVGIYKIQEDLDLHDSEILRAIEIHTVGAGQMTDLDKVIYVADYIEHNRAFPGVDVAREIASLSLNKA
VAYETARTVEYLAHQGFPIYPQTLETYNAFVHYLKEDLEENLYFQGHHHHHHHHHH
;
_entity_poly.pdbx_strand_id   A
#
loop_
_chem_comp.id
_chem_comp.type
_chem_comp.name
_chem_comp.formula
EDO non-polymer 1,2-ETHANEDIOL 'C2 H6 O2'
FE non-polymer 'FE (III) ION' 'Fe 3'
GOL non-polymer GLYCEROL 'C3 H8 O3'
SO4 non-polymer 'SULFATE ION' 'O4 S -2'
UDP RNA linking URIDINE-5'-DIPHOSPHATE 'C9 H14 N2 O12 P2'
#
# COMPACT_ATOMS: atom_id res chain seq x y z
N SER A 2 19.10 9.23 -2.29
CA SER A 2 19.28 7.78 -1.95
C SER A 2 18.26 7.41 -0.86
N TYR A 3 18.05 6.11 -0.66
CA TYR A 3 17.11 5.64 0.37
C TYR A 3 17.56 6.05 1.78
N GLN A 4 18.88 6.13 2.02
CA GLN A 4 19.39 6.62 3.33
C GLN A 4 18.98 8.04 3.63
N ASP A 5 18.52 8.79 2.63
CA ASP A 5 17.91 10.10 2.86
C ASP A 5 16.61 10.04 3.67
N TYR A 6 16.03 8.85 3.80
CA TYR A 6 14.73 8.66 4.46
C TYR A 6 14.75 7.63 5.59
N ILE A 7 15.62 6.65 5.46
CA ILE A 7 15.69 5.54 6.42
C ILE A 7 17.12 5.32 6.94
N ASN A 8 17.29 4.41 7.90
CA ASN A 8 18.55 4.27 8.63
C ASN A 8 19.50 3.22 8.04
N CYS A 9 19.36 2.94 6.74
CA CYS A 9 20.19 1.96 6.05
C CYS A 9 20.06 2.11 4.53
N SER A 10 20.99 1.49 3.80
CA SER A 10 21.00 1.48 2.34
C SER A 10 19.90 0.58 1.82
N ARG A 11 19.56 0.78 0.54
CA ARG A 11 18.63 -0.11 -0.15
C ARG A 11 19.05 -1.58 -0.04
N GLU A 12 20.33 -1.87 -0.30
CA GLU A 12 20.86 -3.24 -0.19
C GLU A 12 20.65 -3.83 1.22
N ALA A 13 20.97 -3.04 2.24
CA ALA A 13 20.78 -3.45 3.64
C ALA A 13 19.30 -3.71 3.93
N LEU A 14 18.43 -2.81 3.46
CA LEU A 14 16.99 -2.99 3.58
C LEU A 14 16.51 -4.29 2.95
N LEU A 15 16.97 -4.59 1.74
CA LEU A 15 16.58 -5.83 1.05
C LEU A 15 16.99 -7.08 1.85
N GLU A 16 18.17 -7.02 2.47
CA GLU A 16 18.66 -8.11 3.32
C GLU A 16 17.74 -8.26 4.50
N LYS A 17 17.44 -7.14 5.19
CA LYS A 17 16.45 -7.08 6.26
C LYS A 17 15.12 -7.69 5.85
N MET A 18 14.62 -7.33 4.65
CA MET A 18 13.30 -7.76 4.22
C MET A 18 13.23 -9.24 3.83
N ALA A 19 14.35 -9.77 3.32
CA ALA A 19 14.48 -11.18 3.00
C ALA A 19 14.32 -12.07 4.23
N GLU A 20 14.74 -11.54 5.39
CA GLU A 20 14.48 -12.15 6.72
C GLU A 20 13.00 -12.13 7.08
N LEU A 21 12.33 -11.00 6.86
CA LEU A 21 10.95 -10.77 7.31
C LEU A 21 9.85 -11.38 6.46
N LEU A 22 10.14 -11.58 5.17
CA LEU A 22 9.11 -11.93 4.21
C LEU A 22 9.45 -13.18 3.42
N PRO A 23 8.42 -14.00 3.11
CA PRO A 23 8.58 -15.08 2.13
C PRO A 23 9.00 -14.52 0.77
N GLU A 24 9.74 -15.33 0.00
CA GLU A 24 10.29 -14.92 -1.30
C GLU A 24 9.26 -14.23 -2.21
N LYS A 25 8.06 -14.83 -2.31
CA LYS A 25 6.97 -14.31 -3.15
C LYS A 25 6.56 -12.89 -2.74
N ARG A 26 6.49 -12.64 -1.43
CA ARG A 26 6.13 -11.33 -0.91
C ARG A 26 7.24 -10.30 -1.16
N LEU A 27 8.51 -10.70 -1.03
CA LEU A 27 9.64 -9.80 -1.33
C LEU A 27 9.68 -9.46 -2.81
N THR A 28 9.54 -10.48 -3.68
CA THR A 28 9.41 -10.30 -5.14
C THR A 28 8.28 -9.32 -5.50
N HIS A 29 7.16 -9.41 -4.77
CA HIS A 29 6.01 -8.50 -4.91
C HIS A 29 6.43 -7.06 -4.58
N CYS A 30 7.09 -6.87 -3.43
CA CYS A 30 7.59 -5.56 -3.02
C CYS A 30 8.52 -4.96 -4.03
N LEU A 31 9.43 -5.78 -4.57
CA LEU A 31 10.31 -5.35 -5.65
C LEU A 31 9.55 -4.91 -6.92
N GLY A 32 8.51 -5.68 -7.27
CA GLY A 32 7.65 -5.32 -8.39
C GLY A 32 6.91 -4.01 -8.17
N VAL A 33 6.44 -3.79 -6.94
CA VAL A 33 5.75 -2.55 -6.59
C VAL A 33 6.70 -1.35 -6.60
N GLU A 34 7.90 -1.52 -6.08
CA GLU A 34 8.97 -0.51 -6.20
C GLU A 34 9.13 -0.02 -7.67
N ARG A 35 9.28 -0.97 -8.59
CA ARG A 35 9.39 -0.71 -10.03
C ARG A 35 8.13 -0.04 -10.59
N ALA A 36 6.95 -0.62 -10.33
CA ALA A 36 5.71 -0.07 -10.86
C ALA A 36 5.44 1.35 -10.33
N ALA A 37 5.76 1.59 -9.05
CA ALA A 37 5.60 2.93 -8.42
C ALA A 37 6.48 3.98 -9.13
N MET A 38 7.70 3.59 -9.46
CA MET A 38 8.62 4.50 -10.17
C MET A 38 8.05 4.90 -11.53
N GLU A 39 7.53 3.91 -12.26
CA GLU A 39 6.94 4.16 -13.58
C GLU A 39 5.72 5.07 -13.50
N LEU A 40 4.84 4.80 -12.55
CA LEU A 40 3.65 5.62 -12.36
C LEU A 40 4.00 7.05 -11.94
N ALA A 41 4.96 7.17 -11.03
CA ALA A 41 5.42 8.47 -10.54
C ALA A 41 5.93 9.35 -11.67
N GLN A 42 6.71 8.77 -12.59
CA GLN A 42 7.19 9.48 -13.80
C GLN A 42 6.04 9.95 -14.68
N ARG A 43 5.03 9.09 -14.84
CA ARG A 43 3.87 9.39 -15.69
C ARG A 43 3.00 10.52 -15.10
N PHE A 44 2.86 10.53 -13.77
CA PHE A 44 1.91 11.41 -13.12
C PHE A 44 2.52 12.46 -12.20
N GLY A 45 3.82 12.75 -12.38
CA GLY A 45 4.49 13.87 -11.70
C GLY A 45 4.55 13.70 -10.19
N VAL A 46 4.95 12.51 -9.76
CA VAL A 46 5.22 12.25 -8.33
C VAL A 46 6.71 12.01 -8.20
N ASP A 47 7.28 12.44 -7.08
CA ASP A 47 8.69 12.19 -6.73
C ASP A 47 9.00 10.69 -6.88
N VAL A 48 9.87 10.35 -7.85
CA VAL A 48 10.15 8.94 -8.21
C VAL A 48 10.80 8.20 -7.06
N GLU A 49 11.58 8.93 -6.26
CA GLU A 49 12.33 8.34 -5.16
C GLU A 49 11.40 8.02 -3.99
N LYS A 50 10.52 8.95 -3.66
CA LYS A 50 9.52 8.71 -2.61
C LYS A 50 8.59 7.56 -3.00
N ALA A 51 8.21 7.54 -4.27
CA ALA A 51 7.33 6.51 -4.82
C ALA A 51 8.01 5.14 -4.77
N SER A 52 9.26 5.06 -5.23
CA SER A 52 10.01 3.79 -5.24
C SER A 52 10.15 3.21 -3.83
N LEU A 53 10.51 4.08 -2.88
CA LEU A 53 10.76 3.67 -1.50
C LEU A 53 9.47 3.21 -0.81
N ALA A 54 8.41 4.01 -0.94
CA ALA A 54 7.09 3.64 -0.39
C ALA A 54 6.59 2.32 -1.01
N GLY A 55 6.83 2.14 -2.31
CA GLY A 55 6.47 0.92 -3.06
C GLY A 55 7.17 -0.32 -2.53
N LEU A 56 8.47 -0.21 -2.30
CA LEU A 56 9.27 -1.28 -1.73
C LEU A 56 8.81 -1.64 -0.30
N LEU A 57 8.52 -0.60 0.48
CA LEU A 57 8.15 -0.76 1.89
C LEU A 57 6.70 -1.10 2.20
N HIS A 58 5.80 -1.01 1.21
CA HIS A 58 4.37 -0.99 1.53
C HIS A 58 3.90 -2.26 2.30
N ASP A 59 4.48 -3.42 1.97
CA ASP A 59 4.10 -4.71 2.56
C ASP A 59 5.15 -5.24 3.54
N TYR A 60 6.00 -4.32 4.02
CA TYR A 60 7.05 -4.61 5.02
C TYR A 60 6.50 -5.42 6.21
N ALA A 61 5.35 -4.98 6.72
CA ALA A 61 4.74 -5.53 7.91
C ALA A 61 3.71 -6.63 7.63
N LYS A 62 3.74 -7.22 6.43
CA LYS A 62 2.73 -8.21 6.01
C LYS A 62 2.71 -9.48 6.89
N LYS A 63 3.87 -9.83 7.44
CA LYS A 63 4.03 -11.07 8.22
C LYS A 63 4.05 -10.93 9.75
N LEU A 64 3.87 -9.71 10.26
CA LEU A 64 3.64 -9.54 11.71
C LEU A 64 2.47 -10.39 12.17
N SER A 65 2.49 -10.79 13.44
CA SER A 65 1.40 -11.57 14.01
C SER A 65 0.35 -10.63 14.58
N ASP A 66 -0.86 -11.15 14.72
CA ASP A 66 -1.95 -10.42 15.32
C ASP A 66 -1.52 -9.85 16.65
N GLN A 67 -0.76 -10.62 17.42
CA GLN A 67 -0.33 -10.14 18.71
C GLN A 67 0.48 -8.85 18.66
N GLU A 68 1.41 -8.79 17.70
CA GLU A 68 2.28 -7.61 17.52
C GLU A 68 1.47 -6.37 17.18
N PHE A 69 0.54 -6.52 16.23
CA PHE A 69 -0.32 -5.39 15.80
C PHE A 69 -1.13 -4.85 16.97
N LEU A 70 -1.65 -5.76 17.80
CA LEU A 70 -2.46 -5.37 18.96
C LEU A 70 -1.65 -4.58 19.96
N VAL A 71 -0.39 -4.99 20.16
CA VAL A 71 0.59 -4.25 20.97
C VAL A 71 0.72 -2.82 20.42
N LEU A 72 0.99 -2.72 19.12
CA LEU A 72 1.17 -1.42 18.44
C LEU A 72 -0.03 -0.49 18.53
N ILE A 73 -1.24 -1.05 18.44
CA ILE A 73 -2.50 -0.26 18.57
C ILE A 73 -2.57 0.45 19.94
N ASP A 74 -2.26 -0.31 21.01
CA ASP A 74 -2.28 0.20 22.38
C ASP A 74 -1.19 1.24 22.58
N ARG A 75 0.04 0.82 22.38
CA ARG A 75 1.22 1.67 22.53
C ARG A 75 1.09 2.99 21.81
N TYR A 76 0.64 2.96 20.56
CA TYR A 76 0.53 4.18 19.77
C TYR A 76 -0.85 4.83 19.93
N GLN A 77 -1.72 4.14 20.68
CA GLN A 77 -3.05 4.67 21.08
C GLN A 77 -3.90 4.94 19.85
N LEU A 78 -3.89 3.96 18.94
CA LEU A 78 -4.60 4.08 17.67
C LEU A 78 -6.09 3.94 17.96
N ASP A 79 -6.92 4.19 16.94
CA ASP A 79 -8.38 4.02 16.99
C ASP A 79 -8.67 2.65 17.59
N PRO A 80 -9.41 2.59 18.72
CA PRO A 80 -9.71 1.29 19.34
C PRO A 80 -10.46 0.30 18.45
N ASP A 81 -11.24 0.81 17.48
CA ASP A 81 -12.01 -0.04 16.57
C ASP A 81 -11.14 -1.01 15.78
N LEU A 82 -9.87 -0.64 15.59
CA LEU A 82 -8.90 -1.44 14.86
C LEU A 82 -8.80 -2.89 15.34
N LYS A 83 -9.01 -3.12 16.64
CA LYS A 83 -9.00 -4.48 17.22
C LYS A 83 -10.02 -5.44 16.57
N ASN A 84 -11.09 -4.88 16.00
CA ASN A 84 -12.17 -5.66 15.40
C ASN A 84 -11.82 -6.19 14.02
N TRP A 85 -10.67 -5.77 13.51
CA TRP A 85 -10.24 -6.10 12.16
C TRP A 85 -9.06 -7.07 12.25
N GLY A 86 -8.26 -7.17 11.18
CA GLY A 86 -7.14 -8.10 11.13
C GLY A 86 -6.03 -7.62 10.21
N ASN A 87 -5.19 -8.58 9.79
CA ASN A 87 -3.96 -8.32 9.03
C ASN A 87 -4.16 -7.35 7.85
N ASN A 88 -5.13 -7.69 7.00
CA ASN A 88 -5.50 -6.91 5.81
C ASN A 88 -5.54 -5.40 6.04
N VAL A 89 -6.26 -4.98 7.08
CA VAL A 89 -6.31 -3.58 7.51
C VAL A 89 -5.01 -3.18 8.22
N TRP A 90 -4.49 -4.07 9.06
CA TRP A 90 -3.40 -3.73 9.98
C TRP A 90 -2.06 -3.46 9.31
N HIS A 91 -1.69 -4.29 8.33
CA HIS A 91 -0.31 -4.32 7.81
C HIS A 91 0.12 -2.93 7.25
N GLY A 92 -0.81 -2.20 6.65
CA GLY A 92 -0.62 -0.77 6.36
C GLY A 92 -0.96 0.21 7.48
N MET A 93 -2.19 0.12 8.02
CA MET A 93 -2.72 1.17 8.94
C MET A 93 -1.95 1.23 10.26
N VAL A 94 -1.46 0.08 10.69
CA VAL A 94 -0.76 -0.05 11.99
C VAL A 94 0.71 -0.37 11.72
N GLY A 95 0.95 -1.18 10.69
CA GLY A 95 2.29 -1.58 10.24
C GLY A 95 3.29 -0.46 9.99
N ILE A 96 2.80 0.73 9.61
CA ILE A 96 3.65 1.94 9.50
C ILE A 96 4.46 2.26 10.77
N TYR A 97 3.91 1.92 11.93
CA TYR A 97 4.63 2.09 13.20
C TYR A 97 5.81 1.11 13.33
N LYS A 98 5.61 -0.15 12.96
CA LYS A 98 6.73 -1.09 12.90
C LYS A 98 7.85 -0.59 11.96
N ILE A 99 7.46 -0.04 10.81
CA ILE A 99 8.39 0.56 9.84
C ILE A 99 9.19 1.70 10.45
N GLN A 100 8.49 2.61 11.13
CA GLN A 100 9.10 3.74 11.81
C GLN A 100 10.13 3.24 12.85
N GLU A 101 9.70 2.31 13.72
CA GLU A 101 10.58 1.71 14.72
C GLU A 101 11.83 1.09 14.10
N ASP A 102 11.65 0.21 13.11
CA ASP A 102 12.77 -0.53 12.50
C ASP A 102 13.73 0.28 11.63
N LEU A 103 13.23 1.32 10.98
CA LEU A 103 13.96 1.99 9.90
C LEU A 103 14.15 3.48 10.10
N ASP A 104 13.57 4.04 11.16
CA ASP A 104 13.61 5.50 11.43
C ASP A 104 12.99 6.34 10.29
N LEU A 105 11.96 5.78 9.65
CA LEU A 105 11.24 6.52 8.63
C LEU A 105 10.36 7.57 9.30
N HIS A 106 10.55 8.85 8.93
CA HIS A 106 9.79 9.99 9.48
C HIS A 106 9.01 10.79 8.44
N ASP A 107 9.31 10.62 7.14
CA ASP A 107 8.61 11.38 6.07
C ASP A 107 7.12 11.09 6.12
N SER A 108 6.31 12.14 6.30
CA SER A 108 4.87 11.99 6.49
C SER A 108 4.16 11.51 5.21
N GLU A 109 4.62 11.97 4.05
CA GLU A 109 4.02 11.59 2.75
C GLU A 109 4.21 10.10 2.45
N ILE A 110 5.45 9.62 2.61
CA ILE A 110 5.75 8.19 2.50
C ILE A 110 4.92 7.39 3.53
N LEU A 111 4.91 7.84 4.79
CA LEU A 111 4.21 7.09 5.84
C LEU A 111 2.72 6.94 5.50
N ARG A 112 2.12 8.03 5.04
CA ARG A 112 0.71 8.07 4.65
C ARG A 112 0.39 7.15 3.46
N ALA A 113 1.26 7.14 2.44
CA ALA A 113 1.06 6.30 1.26
C ALA A 113 1.09 4.82 1.64
N ILE A 114 1.99 4.44 2.56
CA ILE A 114 2.01 3.08 3.11
C ILE A 114 0.74 2.80 3.94
N GLU A 115 0.38 3.76 4.79
CA GLU A 115 -0.71 3.62 5.75
C GLU A 115 -2.03 3.17 5.09
N ILE A 116 -2.39 3.86 4.02
CA ILE A 116 -3.64 3.63 3.30
C ILE A 116 -3.51 2.85 1.98
N HIS A 117 -2.40 2.12 1.78
CA HIS A 117 -2.20 1.35 0.52
C HIS A 117 -3.29 0.29 0.25
N THR A 118 -3.91 -0.23 1.31
CA THR A 118 -4.92 -1.32 1.23
C THR A 118 -6.34 -0.74 1.10
N VAL A 119 -6.65 0.22 1.95
CA VAL A 119 -8.01 0.77 2.12
C VAL A 119 -8.28 2.10 1.42
N GLY A 120 -7.22 2.83 1.05
CA GLY A 120 -7.36 4.16 0.43
C GLY A 120 -7.89 5.18 1.41
N ALA A 121 -8.28 6.35 0.90
CA ALA A 121 -9.10 7.32 1.63
C ALA A 121 -9.94 8.12 0.64
N GLY A 122 -10.91 8.86 1.17
CA GLY A 122 -11.74 9.76 0.38
C GLY A 122 -10.92 10.83 -0.30
N GLN A 123 -9.86 11.27 0.38
CA GLN A 123 -8.85 12.19 -0.17
C GLN A 123 -7.51 11.49 -0.17
N MET A 124 -6.89 11.41 -1.36
CA MET A 124 -5.57 10.75 -1.53
C MET A 124 -4.66 11.70 -2.29
N THR A 125 -3.41 11.85 -1.82
CA THR A 125 -2.38 12.58 -2.57
C THR A 125 -2.02 11.76 -3.82
N ASP A 126 -1.38 12.38 -4.81
CA ASP A 126 -0.93 11.62 -5.96
C ASP A 126 0.01 10.46 -5.57
N LEU A 127 0.87 10.68 -4.56
CA LEU A 127 1.76 9.64 -4.07
C LEU A 127 0.96 8.45 -3.49
N ASP A 128 -0.07 8.74 -2.68
CA ASP A 128 -0.94 7.67 -2.14
C ASP A 128 -1.54 6.85 -3.28
N LYS A 129 -2.03 7.53 -4.31
CA LYS A 129 -2.64 6.88 -5.47
C LYS A 129 -1.64 6.01 -6.24
N VAL A 130 -0.42 6.53 -6.46
CA VAL A 130 0.61 5.77 -7.16
C VAL A 130 0.88 4.44 -6.43
N ILE A 131 0.97 4.48 -5.10
CA ILE A 131 1.26 3.27 -4.33
C ILE A 131 0.06 2.30 -4.37
N TYR A 132 -1.13 2.84 -4.15
CA TYR A 132 -2.39 2.08 -4.17
C TYR A 132 -2.57 1.30 -5.48
N VAL A 133 -2.22 1.96 -6.59
CA VAL A 133 -2.33 1.38 -7.92
C VAL A 133 -1.14 0.46 -8.25
N ALA A 134 0.08 0.88 -7.92
CA ALA A 134 1.30 0.10 -8.20
C ALA A 134 1.22 -1.30 -7.59
N ASP A 135 0.62 -1.39 -6.41
CA ASP A 135 0.44 -2.62 -5.67
C ASP A 135 -0.36 -3.65 -6.51
N TYR A 136 -1.35 -3.11 -7.20
CA TYR A 136 -2.33 -3.86 -7.98
C TYR A 136 -1.82 -4.25 -9.37
N ILE A 137 -0.91 -3.46 -9.95
CA ILE A 137 -0.52 -3.67 -11.35
C ILE A 137 0.92 -4.18 -11.55
N GLU A 138 1.67 -4.29 -10.46
CA GLU A 138 3.08 -4.71 -10.50
C GLU A 138 3.23 -6.02 -11.32
N HIS A 139 4.35 -6.14 -12.02
CA HIS A 139 4.51 -7.11 -13.13
C HIS A 139 4.29 -8.59 -12.76
N ASN A 140 4.53 -8.94 -11.50
CA ASN A 140 4.33 -10.31 -11.00
C ASN A 140 2.84 -10.69 -10.85
N ARG A 141 1.93 -9.72 -10.82
CA ARG A 141 0.50 -10.03 -10.67
C ARG A 141 -0.05 -10.58 -11.97
N ALA A 142 -0.97 -11.53 -11.87
CA ALA A 142 -1.54 -12.16 -13.06
C ALA A 142 -3.03 -12.43 -12.92
N PHE A 143 -3.67 -11.85 -11.91
CA PHE A 143 -5.12 -12.05 -11.71
C PHE A 143 -5.91 -11.64 -12.98
N PRO A 144 -7.03 -12.34 -13.28
CA PRO A 144 -7.83 -12.01 -14.47
C PRO A 144 -8.33 -10.56 -14.37
N GLY A 145 -8.04 -9.77 -15.41
CA GLY A 145 -8.40 -8.35 -15.40
C GLY A 145 -7.25 -7.41 -15.08
N VAL A 146 -6.08 -7.95 -14.71
CA VAL A 146 -4.89 -7.11 -14.43
C VAL A 146 -4.50 -6.29 -15.67
N ASP A 147 -4.72 -6.85 -16.85
CA ASP A 147 -4.47 -6.18 -18.13
C ASP A 147 -5.30 -4.90 -18.26
N VAL A 148 -6.54 -4.95 -17.78
CA VAL A 148 -7.45 -3.80 -17.85
C VAL A 148 -6.95 -2.72 -16.89
N ALA A 149 -6.60 -3.12 -15.67
CA ALA A 149 -6.05 -2.24 -14.64
C ALA A 149 -4.79 -1.54 -15.18
N ARG A 150 -3.94 -2.31 -15.84
CA ARG A 150 -2.70 -1.79 -16.44
C ARG A 150 -2.97 -0.73 -17.52
N GLU A 151 -3.93 -1.03 -18.39
CA GLU A 151 -4.30 -0.08 -19.45
C GLU A 151 -4.87 1.20 -18.86
N ILE A 152 -5.75 1.05 -17.87
CA ILE A 152 -6.36 2.22 -17.21
C ILE A 152 -5.27 3.12 -16.58
N ALA A 153 -4.34 2.48 -15.85
CA ALA A 153 -3.25 3.17 -15.13
C ALA A 153 -2.26 3.90 -16.06
N SER A 154 -2.16 3.44 -17.31
CA SER A 154 -1.36 4.10 -18.34
C SER A 154 -1.96 5.47 -18.77
N LEU A 155 -3.22 5.71 -18.42
CA LEU A 155 -3.98 6.88 -18.87
C LEU A 155 -4.41 7.77 -17.71
N SER A 156 -4.82 7.17 -16.60
CA SER A 156 -5.47 7.92 -15.53
C SER A 156 -5.26 7.27 -14.16
N LEU A 157 -4.55 7.97 -13.29
CA LEU A 157 -4.35 7.54 -11.92
C LEU A 157 -5.69 7.42 -11.17
N ASN A 158 -6.54 8.44 -11.30
CA ASN A 158 -7.84 8.48 -10.62
C ASN A 158 -8.77 7.34 -11.07
N LYS A 159 -8.81 7.05 -12.37
CA LYS A 159 -9.64 5.97 -12.88
C LYS A 159 -9.08 4.60 -12.46
N ALA A 160 -7.75 4.49 -12.38
CA ALA A 160 -7.12 3.25 -11.87
C ALA A 160 -7.48 3.00 -10.39
N VAL A 161 -7.49 4.05 -9.58
CA VAL A 161 -7.91 3.95 -8.18
C VAL A 161 -9.37 3.48 -8.13
N ALA A 162 -10.22 4.08 -8.96
CA ALA A 162 -11.65 3.74 -9.04
C ALA A 162 -11.89 2.28 -9.41
N TYR A 163 -11.18 1.82 -10.44
CA TYR A 163 -11.34 0.46 -10.94
C TYR A 163 -10.91 -0.59 -9.90
N GLU A 164 -9.72 -0.39 -9.34
CA GLU A 164 -9.21 -1.26 -8.28
C GLU A 164 -10.16 -1.30 -7.07
N THR A 165 -10.62 -0.14 -6.61
CA THR A 165 -11.51 -0.06 -5.43
C THR A 165 -12.87 -0.75 -5.68
N ALA A 166 -13.43 -0.54 -6.87
CA ALA A 166 -14.67 -1.23 -7.28
C ALA A 166 -14.51 -2.74 -7.25
N ARG A 167 -13.42 -3.22 -7.85
CA ARG A 167 -13.11 -4.64 -7.90
C ARG A 167 -12.95 -5.26 -6.52
N THR A 168 -12.30 -4.53 -5.62
CA THR A 168 -12.06 -4.95 -4.23
C THR A 168 -13.37 -5.06 -3.47
N VAL A 169 -14.21 -4.02 -3.56
CA VAL A 169 -15.51 -4.05 -2.88
C VAL A 169 -16.40 -5.18 -3.43
N GLU A 170 -16.44 -5.31 -4.75
CA GLU A 170 -17.20 -6.36 -5.43
C GLU A 170 -16.79 -7.76 -4.92
N TYR A 171 -15.48 -8.01 -4.89
CA TYR A 171 -14.93 -9.30 -4.45
C TYR A 171 -15.16 -9.57 -2.95
N LEU A 172 -14.97 -8.56 -2.09
CA LEU A 172 -15.23 -8.74 -0.66
C LEU A 172 -16.71 -9.11 -0.41
N ALA A 173 -17.63 -8.47 -1.13
CA ALA A 173 -19.07 -8.79 -0.99
C ALA A 173 -19.40 -10.20 -1.55
N HIS A 174 -18.78 -10.54 -2.68
CA HIS A 174 -18.89 -11.85 -3.32
C HIS A 174 -18.48 -12.94 -2.32
N GLN A 175 -17.39 -12.68 -1.59
CA GLN A 175 -16.82 -13.64 -0.64
C GLN A 175 -17.53 -13.67 0.70
N GLY A 176 -18.28 -12.61 0.99
CA GLY A 176 -18.94 -12.44 2.29
C GLY A 176 -17.98 -12.01 3.39
N PHE A 177 -16.99 -11.18 3.05
CA PHE A 177 -16.04 -10.61 4.02
C PHE A 177 -16.43 -9.20 4.46
N PRO A 178 -16.14 -8.86 5.74
CA PRO A 178 -16.39 -7.48 6.18
C PRO A 178 -15.59 -6.47 5.35
N ILE A 179 -16.15 -5.28 5.17
CA ILE A 179 -15.52 -4.23 4.37
C ILE A 179 -15.18 -3.06 5.28
N TYR A 180 -13.89 -2.75 5.39
CA TYR A 180 -13.45 -1.64 6.22
C TYR A 180 -14.15 -0.35 5.78
N PRO A 181 -14.81 0.38 6.70
CA PRO A 181 -15.57 1.55 6.27
C PRO A 181 -14.76 2.55 5.45
N GLN A 182 -13.48 2.75 5.77
CA GLN A 182 -12.64 3.65 4.97
C GLN A 182 -12.49 3.21 3.50
N THR A 183 -12.58 1.89 3.23
CA THR A 183 -12.61 1.40 1.83
C THR A 183 -13.83 1.96 1.09
N LEU A 184 -14.96 2.07 1.78
CA LEU A 184 -16.14 2.60 1.14
C LEU A 184 -16.06 4.11 0.88
N GLU A 185 -15.42 4.84 1.81
CA GLU A 185 -15.10 6.26 1.64
C GLU A 185 -14.32 6.45 0.32
N THR A 186 -13.33 5.58 0.09
CA THR A 186 -12.51 5.58 -1.14
C THR A 186 -13.38 5.29 -2.37
N TYR A 187 -14.15 4.20 -2.27
CA TYR A 187 -15.07 3.80 -3.33
C TYR A 187 -15.98 4.94 -3.79
N ASN A 188 -16.69 5.52 -2.82
CA ASN A 188 -17.68 6.55 -3.15
C ASN A 188 -17.02 7.80 -3.68
N ALA A 189 -15.84 8.14 -3.16
CA ALA A 189 -15.08 9.31 -3.67
C ALA A 189 -14.60 9.14 -5.11
N PHE A 190 -14.23 7.92 -5.48
CA PHE A 190 -13.58 7.68 -6.78
C PHE A 190 -14.46 7.07 -7.89
N VAL A 191 -15.62 6.52 -7.50
CA VAL A 191 -16.39 5.71 -8.44
C VAL A 191 -16.84 6.46 -9.71
N HIS A 192 -17.11 7.77 -9.57
CA HIS A 192 -17.45 8.64 -10.70
C HIS A 192 -16.42 8.61 -11.86
N TYR A 193 -15.16 8.30 -11.55
CA TYR A 193 -14.09 8.24 -12.56
C TYR A 193 -14.25 7.10 -13.57
N LEU A 194 -15.08 6.11 -13.24
CA LEU A 194 -15.41 5.04 -14.16
C LEU A 194 -16.35 5.49 -15.29
N LYS A 195 -16.81 6.74 -15.20
CA LYS A 195 -17.72 7.31 -16.19
C LYS A 195 -17.01 8.34 -17.05
FE FE B . -0.60 -4.71 1.29
FE FE C . 1.17 -5.43 -1.79
N1 UDP D . -9.15 -6.10 2.14
C2 UDP D . -9.29 -4.84 1.48
N3 UDP D . -10.16 -3.91 1.95
C4 UDP D . -10.93 -4.15 3.04
C5 UDP D . -10.82 -5.37 3.72
C6 UDP D . -9.92 -6.34 3.25
O2 UDP D . -8.62 -4.56 0.47
O4 UDP D . -11.73 -3.26 3.43
C1' UDP D . -8.21 -7.16 1.67
C2' UDP D . -8.09 -7.36 0.15
O2' UDP D . -9.27 -7.93 -0.43
C3' UDP D . -6.80 -8.16 0.00
C4' UDP D . -6.02 -7.83 1.26
O4' UDP D . -6.84 -6.94 2.05
O3' UDP D . -7.01 -9.57 -0.03
C5' UDP D . -4.63 -7.24 1.02
O5' UDP D . -4.73 -6.03 0.26
PA UDP D . -3.43 -5.19 -0.24
O1A UDP D . -2.74 -4.66 0.99
O2A UDP D . -3.96 -4.15 -1.23
O3A UDP D . -2.56 -6.29 -1.09
PB UDP D . -1.37 -7.35 -0.67
O1B UDP D . -0.79 -6.93 0.68
O2B UDP D . -0.37 -7.18 -1.83
O3B UDP D . -2.02 -8.73 -0.67
S SO4 E . -1.90 -12.77 -8.59
O1 SO4 E . -1.24 -13.35 -9.79
O2 SO4 E . -1.05 -12.97 -7.40
O3 SO4 E . -2.08 -11.32 -8.79
O4 SO4 E . -3.22 -13.39 -8.38
S SO4 F . 2.61 -13.88 1.96
O1 SO4 F . 3.20 -14.93 2.79
O2 SO4 F . 3.09 -12.56 2.43
O3 SO4 F . 1.13 -13.92 2.08
O4 SO4 F . 3.02 -14.08 0.54
S SO4 G . -7.96 -10.12 7.77
O1 SO4 G . -8.24 -10.86 9.02
O2 SO4 G . -6.49 -10.09 7.53
O3 SO4 G . -8.46 -8.73 7.91
O4 SO4 G . -8.63 -10.79 6.64
C1 GOL H . -21.33 9.27 -4.30
O1 GOL H . -20.16 9.72 -3.59
C2 GOL H . -22.39 10.36 -4.41
O2 GOL H . -23.50 9.85 -5.15
C3 GOL H . -22.95 10.79 -3.05
O3 GOL H . -21.90 11.02 -2.11
C1 EDO I . -12.11 0.23 -21.20
O1 EDO I . -12.50 -0.81 -20.31
C2 EDO I . -11.15 1.19 -20.50
O2 EDO I . -9.80 0.81 -20.78
#